data_3NYR
#
_entry.id   3NYR
#
_cell.length_a   73.191
_cell.length_b   86.628
_cell.length_c   153.149
_cell.angle_alpha   90.00
_cell.angle_beta   90.00
_cell.angle_gamma   90.00
#
_symmetry.space_group_name_H-M   'C 2 2 21'
#
loop_
_entity.id
_entity.type
_entity.pdbx_description
1 polymer 'Malonyl-CoA Ligase'
2 non-polymer 'MALONYL-COENZYME A'
3 non-polymer 'ADENOSINE MONOPHOSPHATE'
4 non-polymer 'MAGNESIUM ION'
5 water water
#
_entity_poly.entity_id   1
_entity_poly.type   'polypeptide(L)'
_entity_poly.pdbx_seq_one_letter_code
;MGSSHHHHHHSSGLVPRGSHMSSLFPALSPAPTGAPADRPALRFGERSLTYAELAAAAGATAGRIGGAGRVAVWATPAME
TGVAVVAALLAGVAAVPLNPKSGDKELAHILSDSAPSLVLAPPDAELPPALGALERVDVDVRARGAVPEDGADDGDPALV
VYTSGTTGPPKGAVIPRRALATTLDALADAWQWTGEDVLVQGLPLFHVHGLVLGILGPLRRGGSVRHLGRFSTEGAAREL
NDGATMLFGVPTMYHRIAETLPADPELAKALAGARLLVSGSAALPVHDHERIAAATGRRVIERYGMTETLMNTSVRADGE
PRAGTVGVPLPGVELRLVEEDGTPIAALDGESVGEIQVRGPNLFTEYLNRPDATAAAFTEDGFFRTGDMAVRDPDGYVRI
VGRKATDLIKSGGYKIGAGEIENALLEHPEVREAAVTGEPDPDLGERIVAWIVPADPAAPPALGTLADHVAARLAPHKRP
RVVRYLDAVPRNDMGKIMKRALNRD
;
_entity_poly.pdbx_strand_id   A
#
# COMPACT_ATOMS: atom_id res chain seq x y z
N LEU A 24 17.73 4.89 -10.50
CA LEU A 24 16.36 4.47 -10.06
C LEU A 24 15.26 4.92 -11.03
N PHE A 25 15.34 6.18 -11.49
CA PHE A 25 14.44 6.66 -12.53
C PHE A 25 15.26 7.28 -13.66
N PRO A 26 15.72 6.44 -14.60
CA PRO A 26 16.59 7.04 -15.62
C PRO A 26 15.83 7.95 -16.56
N ALA A 27 14.50 7.94 -16.56
CA ALA A 27 13.73 8.88 -17.35
C ALA A 27 13.61 10.28 -16.72
N LEU A 28 14.02 10.36 -15.45
CA LEU A 28 13.99 11.63 -14.71
C LEU A 28 15.38 12.19 -14.39
N SER A 29 16.36 11.31 -14.26
CA SER A 29 17.69 11.72 -13.81
C SER A 29 18.70 10.99 -14.70
N PRO A 30 19.51 11.74 -15.44
CA PRO A 30 19.53 13.20 -15.51
C PRO A 30 18.25 13.76 -16.14
N ALA A 31 18.09 15.08 -16.05
CA ALA A 31 16.89 15.69 -16.60
C ALA A 31 16.71 15.31 -18.06
N PRO A 32 15.49 14.93 -18.42
CA PRO A 32 15.25 14.45 -19.77
C PRO A 32 15.24 15.56 -20.82
N THR A 33 15.38 15.19 -22.09
CA THR A 33 15.31 16.15 -23.17
C THR A 33 14.52 15.61 -24.36
N GLY A 34 14.05 16.51 -25.22
CA GLY A 34 13.36 16.09 -26.44
C GLY A 34 12.07 15.36 -26.15
N ALA A 35 11.65 14.51 -27.09
CA ALA A 35 10.43 13.71 -26.96
C ALA A 35 10.14 13.02 -25.63
N PRO A 36 11.08 12.20 -25.12
CA PRO A 36 10.88 11.57 -23.82
C PRO A 36 10.53 12.57 -22.73
N ALA A 37 11.01 13.80 -22.86
CA ALA A 37 10.83 14.77 -21.79
C ALA A 37 9.39 15.23 -21.76
N ASP A 38 8.71 15.27 -22.90
CA ASP A 38 7.35 15.81 -22.93
C ASP A 38 6.28 14.72 -22.80
N ARG A 39 6.69 13.49 -22.54
CA ARG A 39 5.70 12.41 -22.25
C ARG A 39 5.03 12.71 -20.90
N PRO A 40 3.73 12.39 -20.79
CA PRO A 40 3.10 12.54 -19.47
C PRO A 40 3.73 11.62 -18.43
N ALA A 41 3.81 12.11 -17.19
CA ALA A 41 4.30 11.31 -16.07
C ALA A 41 3.19 11.14 -15.04
N LEU A 42 2.74 12.23 -14.43
CA LEU A 42 1.67 12.17 -13.42
C LEU A 42 0.47 12.95 -13.87
N ARG A 43 -0.73 12.42 -13.65
CA ARG A 43 -1.96 13.15 -13.95
C ARG A 43 -2.92 12.96 -12.79
N PHE A 44 -3.37 14.07 -12.23
CA PHE A 44 -4.36 14.05 -11.15
C PHE A 44 -5.51 14.94 -11.61
N GLY A 45 -6.53 14.37 -12.20
CA GLY A 45 -7.61 15.16 -12.85
C GLY A 45 -7.00 16.04 -13.93
N GLU A 46 -7.30 17.34 -13.88
CA GLU A 46 -6.80 18.27 -14.89
C GLU A 46 -5.43 18.79 -14.60
N ARG A 47 -4.83 18.40 -13.48
CA ARG A 47 -3.43 18.75 -13.20
C ARG A 47 -2.48 17.64 -13.67
N SER A 48 -1.32 18.02 -14.20
CA SER A 48 -0.35 17.02 -14.69
C SER A 48 1.05 17.58 -14.75
N LEU A 49 1.99 16.65 -14.85
CA LEU A 49 3.39 16.92 -15.05
C LEU A 49 3.89 15.95 -16.10
N THR A 50 4.62 16.49 -17.08
CA THR A 50 5.44 15.65 -17.97
C THR A 50 6.69 15.18 -17.24
N TYR A 51 7.41 14.24 -17.86
CA TYR A 51 8.68 13.85 -17.28
C TYR A 51 9.61 15.05 -17.02
N ALA A 52 9.77 15.93 -18.00
CA ALA A 52 10.63 17.08 -17.74
C ALA A 52 10.14 17.99 -16.61
N GLU A 53 8.82 18.19 -16.56
CA GLU A 53 8.27 19.03 -15.50
C GLU A 53 8.43 18.40 -14.12
N LEU A 54 8.17 17.10 -14.03
CA LEU A 54 8.37 16.38 -12.78
C LEU A 54 9.82 16.40 -12.33
N ALA A 55 10.73 16.11 -13.28
CA ALA A 55 12.15 16.17 -12.92
C ALA A 55 12.57 17.54 -12.41
N ALA A 56 12.04 18.58 -13.05
CA ALA A 56 12.41 19.94 -12.63
C ALA A 56 11.76 20.37 -11.32
N ALA A 57 10.49 19.97 -11.07
CA ALA A 57 9.81 20.30 -9.81
C ALA A 57 10.38 19.48 -8.65
N ALA A 58 10.60 18.19 -8.89
CA ALA A 58 11.25 17.35 -7.88
C ALA A 58 12.70 17.76 -7.65
N GLY A 59 13.40 18.14 -8.72
CA GLY A 59 14.75 18.66 -8.53
C GLY A 59 14.83 19.90 -7.65
N ALA A 60 13.94 20.87 -7.87
CA ALA A 60 13.85 22.08 -7.04
C ALA A 60 13.64 21.69 -5.59
N THR A 61 12.75 20.71 -5.39
CA THR A 61 12.43 20.26 -4.03
C THR A 61 13.61 19.53 -3.39
N ALA A 62 14.31 18.71 -4.19
CA ALA A 62 15.43 17.94 -3.71
C ALA A 62 16.53 18.85 -3.21
N GLY A 63 16.64 20.04 -3.81
CA GLY A 63 17.74 20.94 -3.44
C GLY A 63 17.44 21.62 -2.12
N ARG A 64 16.17 21.66 -1.75
CA ARG A 64 15.73 22.20 -0.48
C ARG A 64 15.85 21.21 0.69
N ILE A 65 16.28 19.97 0.42
CA ILE A 65 16.30 18.92 1.44
C ILE A 65 17.62 18.17 1.60
N GLY A 66 18.68 18.63 0.94
CA GLY A 66 20.02 18.26 1.37
C GLY A 66 20.34 18.94 2.70
N ARG A 70 16.27 12.16 6.99
CA ARG A 70 14.93 11.64 6.80
C ARG A 70 13.90 12.77 6.70
N VAL A 71 13.02 12.67 5.71
CA VAL A 71 11.99 13.69 5.51
C VAL A 71 10.62 13.03 5.57
N ALA A 72 9.69 13.70 6.25
CA ALA A 72 8.30 13.22 6.22
C ALA A 72 7.63 13.80 4.99
N VAL A 73 6.60 13.12 4.48
CA VAL A 73 5.79 13.62 3.37
C VAL A 73 4.33 13.53 3.80
N TRP A 74 3.65 14.67 3.76
CA TRP A 74 2.23 14.72 4.03
C TRP A 74 1.50 14.13 2.83
N ALA A 75 1.18 12.84 2.91
CA ALA A 75 0.94 12.06 1.70
C ALA A 75 -0.52 12.02 1.30
N THR A 76 -1.07 13.18 0.99
CA THR A 76 -2.42 13.27 0.43
C THR A 76 -2.41 12.56 -0.94
N PRO A 77 -3.61 12.23 -1.44
CA PRO A 77 -3.69 11.58 -2.77
C PRO A 77 -3.78 12.66 -3.85
N ALA A 78 -2.66 13.34 -3.99
CA ALA A 78 -2.55 14.57 -4.75
C ALA A 78 -1.15 14.64 -5.38
N MET A 79 -1.04 15.43 -6.44
CA MET A 79 0.14 15.42 -7.28
C MET A 79 1.40 15.81 -6.51
N GLU A 80 1.23 16.70 -5.52
CA GLU A 80 2.38 17.11 -4.68
C GLU A 80 3.08 15.94 -4.01
N THR A 81 2.32 14.89 -3.65
CA THR A 81 2.92 13.76 -3.00
C THR A 81 3.86 13.00 -3.93
N GLY A 82 3.50 12.91 -5.20
CA GLY A 82 4.43 12.30 -6.16
C GLY A 82 5.69 13.12 -6.32
N VAL A 83 5.53 14.44 -6.40
CA VAL A 83 6.71 15.31 -6.49
C VAL A 83 7.57 15.15 -5.23
N ALA A 84 6.96 15.14 -4.05
CA ALA A 84 7.72 15.04 -2.82
C ALA A 84 8.52 13.77 -2.71
N VAL A 85 7.88 12.63 -2.98
CA VAL A 85 8.57 11.37 -2.83
C VAL A 85 9.67 11.23 -3.88
N VAL A 86 9.39 11.65 -5.12
CA VAL A 86 10.44 11.63 -6.13
C VAL A 86 11.59 12.54 -5.72
N ALA A 87 11.28 13.71 -5.15
CA ALA A 87 12.35 14.62 -4.68
C ALA A 87 13.24 13.90 -3.68
N ALA A 88 12.64 13.26 -2.67
CA ALA A 88 13.42 12.53 -1.67
C ALA A 88 14.30 11.47 -2.30
N LEU A 89 13.78 10.71 -3.27
CA LEU A 89 14.57 9.68 -3.95
C LEU A 89 15.68 10.30 -4.78
N LEU A 90 15.41 11.44 -5.43
CA LEU A 90 16.48 12.10 -6.20
C LEU A 90 17.56 12.65 -5.30
N ALA A 91 17.21 13.04 -4.08
CA ALA A 91 18.16 13.60 -3.11
C ALA A 91 18.91 12.48 -2.39
N GLY A 92 18.41 11.25 -2.48
CA GLY A 92 19.02 10.13 -1.76
C GLY A 92 18.69 10.13 -0.28
N VAL A 93 17.57 10.73 0.08
CA VAL A 93 17.12 10.89 1.46
C VAL A 93 15.84 10.07 1.67
N ALA A 94 15.80 9.31 2.74
CA ALA A 94 14.64 8.46 2.97
C ALA A 94 13.38 9.28 3.25
N ALA A 95 12.27 8.89 2.62
CA ALA A 95 10.99 9.54 2.86
C ALA A 95 10.11 8.70 3.79
N VAL A 96 9.39 9.37 4.69
CA VAL A 96 8.48 8.71 5.63
C VAL A 96 7.09 9.24 5.26
N PRO A 97 6.29 8.43 4.56
CA PRO A 97 4.95 8.93 4.21
C PRO A 97 4.04 8.98 5.43
N LEU A 98 3.29 10.06 5.55
CA LEU A 98 2.31 10.24 6.64
C LEU A 98 0.92 10.24 6.05
N ASN A 99 0.05 9.44 6.66
CA ASN A 99 -1.37 9.51 6.34
C ASN A 99 -1.89 10.88 6.80
N PRO A 100 -2.46 11.67 5.90
CA PRO A 100 -2.91 13.02 6.31
C PRO A 100 -4.12 12.97 7.23
N LYS A 101 -4.76 11.82 7.37
CA LYS A 101 -5.83 11.63 8.36
C LYS A 101 -5.38 10.91 9.62
N SER A 102 -4.09 10.67 9.78
CA SER A 102 -3.56 10.13 11.05
C SER A 102 -3.97 11.04 12.20
N GLY A 103 -4.25 10.41 13.34
CA GLY A 103 -4.60 11.16 14.54
C GLY A 103 -3.36 11.49 15.35
N ASP A 104 -3.61 12.04 16.54
CA ASP A 104 -2.52 12.65 17.27
C ASP A 104 -1.54 11.62 17.85
N LYS A 105 -2.06 10.50 18.35
CA LYS A 105 -1.23 9.46 18.92
C LYS A 105 -0.35 8.85 17.83
N GLU A 106 -0.94 8.56 16.67
CA GLU A 106 -0.27 7.90 15.57
C GLU A 106 0.82 8.83 15.00
N LEU A 107 0.49 10.11 14.80
CA LEU A 107 1.53 11.02 14.31
C LEU A 107 2.66 11.21 15.32
N ALA A 108 2.32 11.34 16.59
CA ALA A 108 3.36 11.58 17.58
C ALA A 108 4.34 10.41 17.56
N HIS A 109 3.80 9.19 17.45
CA HIS A 109 4.67 8.03 17.46
C HIS A 109 5.61 7.98 16.26
N ILE A 110 5.06 8.24 15.08
CA ILE A 110 5.89 8.21 13.87
C ILE A 110 6.93 9.34 13.92
N LEU A 111 6.52 10.53 14.35
CA LEU A 111 7.47 11.64 14.40
C LEU A 111 8.59 11.40 15.41
N SER A 112 8.25 10.82 16.55
CA SER A 112 9.28 10.50 17.55
C SER A 112 10.19 9.37 17.12
N ASP A 113 9.62 8.36 16.46
CA ASP A 113 10.39 7.21 16.06
C ASP A 113 11.33 7.53 14.90
N SER A 114 10.81 8.19 13.87
CA SER A 114 11.58 8.41 12.65
C SER A 114 12.37 9.73 12.67
N ALA A 115 11.98 10.63 13.57
CA ALA A 115 12.67 11.90 13.81
C ALA A 115 13.05 12.58 12.50
N PRO A 116 12.05 12.82 11.64
CA PRO A 116 12.38 13.53 10.41
C PRO A 116 12.86 14.96 10.66
N SER A 117 13.65 15.46 9.73
CA SER A 117 14.14 16.85 9.76
C SER A 117 13.08 17.90 9.44
N LEU A 118 12.18 17.57 8.51
CA LEU A 118 11.22 18.53 7.99
C LEU A 118 10.09 17.67 7.40
N VAL A 119 8.99 18.35 7.11
CA VAL A 119 7.84 17.74 6.43
C VAL A 119 7.58 18.43 5.11
N LEU A 120 7.55 17.64 4.03
CA LEU A 120 7.15 18.12 2.72
C LEU A 120 5.65 18.11 2.58
N ALA A 121 5.04 19.27 2.31
CA ALA A 121 3.59 19.37 2.29
C ALA A 121 3.08 20.18 1.13
N PRO A 122 1.86 19.90 0.66
CA PRO A 122 1.22 20.83 -0.27
C PRO A 122 1.05 22.20 0.37
N PRO A 123 1.19 23.26 -0.42
CA PRO A 123 1.19 24.62 0.10
C PRO A 123 -0.05 24.97 0.92
N ASP A 124 -1.19 24.47 0.49
CA ASP A 124 -2.44 24.78 1.18
C ASP A 124 -2.82 23.85 2.34
N ALA A 125 -2.01 22.82 2.60
CA ALA A 125 -2.41 21.82 3.59
C ALA A 125 -2.49 22.46 4.97
N GLU A 126 -3.48 22.05 5.74
CA GLU A 126 -3.45 22.43 7.16
C GLU A 126 -2.96 21.27 7.99
N LEU A 127 -1.80 21.48 8.56
CA LEU A 127 -1.11 20.42 9.32
C LEU A 127 -1.57 20.46 10.77
N PRO A 128 -1.71 19.28 11.39
CA PRO A 128 -2.21 19.24 12.76
C PRO A 128 -1.13 19.66 13.74
N PRO A 129 -1.52 19.89 15.00
CA PRO A 129 -0.55 20.32 16.00
C PRO A 129 0.52 19.30 16.29
N ALA A 130 0.27 18.00 16.05
CA ALA A 130 1.37 17.07 16.28
C ALA A 130 2.63 17.45 15.49
N LEU A 131 2.46 18.15 14.37
CA LEU A 131 3.59 18.52 13.52
C LEU A 131 4.06 19.96 13.75
N GLY A 132 3.61 20.57 14.84
CA GLY A 132 3.77 22.01 14.98
C GLY A 132 5.22 22.43 15.03
N ALA A 133 6.09 21.53 15.46
CA ALA A 133 7.48 21.88 15.73
C ALA A 133 8.43 21.46 14.60
N LEU A 134 7.86 20.89 13.54
CA LEU A 134 8.66 20.40 12.42
C LEU A 134 8.80 21.52 11.41
N GLU A 135 9.98 21.65 10.80
CA GLU A 135 10.11 22.54 9.65
C GLU A 135 9.23 22.09 8.49
N ARG A 136 8.47 23.03 7.94
CA ARG A 136 7.60 22.76 6.81
C ARG A 136 8.20 23.27 5.49
N VAL A 137 8.35 22.38 4.52
CA VAL A 137 8.82 22.74 3.19
C VAL A 137 7.66 22.51 2.24
N ASP A 138 7.18 23.58 1.60
CA ASP A 138 6.05 23.42 0.69
C ASP A 138 6.52 22.94 -0.67
N VAL A 139 5.79 21.96 -1.17
CA VAL A 139 6.09 21.36 -2.46
C VAL A 139 5.34 22.13 -3.53
N ASP A 140 6.13 22.74 -4.42
CA ASP A 140 5.61 23.56 -5.50
C ASP A 140 5.71 22.81 -6.84
N VAL A 141 4.56 22.36 -7.34
CA VAL A 141 4.60 21.61 -8.58
C VAL A 141 4.98 22.45 -9.79
N ARG A 142 5.02 23.77 -9.64
CA ARG A 142 5.45 24.66 -10.73
C ARG A 142 6.89 25.08 -10.58
N ALA A 143 7.61 24.62 -9.56
CA ALA A 143 9.02 24.98 -9.42
C ALA A 143 9.87 24.30 -10.47
N ARG A 144 10.97 24.95 -10.81
CA ARG A 144 11.91 24.41 -11.80
C ARG A 144 13.35 24.52 -11.31
N GLY A 145 13.96 23.38 -11.00
CA GLY A 145 15.32 23.35 -10.52
C GLY A 145 16.10 22.25 -11.20
N ALA A 146 17.42 22.23 -11.00
CA ALA A 146 18.27 21.15 -11.48
C ALA A 146 17.95 19.84 -10.76
N VAL A 147 18.20 18.74 -11.46
CA VAL A 147 18.17 17.43 -10.83
C VAL A 147 19.54 17.13 -10.22
N PRO A 148 19.56 16.81 -8.93
CA PRO A 148 20.84 16.64 -8.23
C PRO A 148 21.60 15.46 -8.82
N GLU A 149 22.93 15.49 -8.75
CA GLU A 149 23.72 14.30 -9.06
C GLU A 149 23.26 13.11 -8.20
N ASP A 150 23.15 11.94 -8.81
CA ASP A 150 22.82 10.73 -8.06
C ASP A 150 24.06 10.15 -7.41
N GLY A 151 24.14 10.23 -6.09
CA GLY A 151 25.24 9.60 -5.34
C GLY A 151 24.79 8.43 -4.47
N ALA A 152 23.56 7.96 -4.67
CA ALA A 152 22.99 6.98 -3.75
C ALA A 152 23.57 5.59 -4.01
N ASP A 153 23.58 4.75 -2.99
CA ASP A 153 23.92 3.35 -3.13
C ASP A 153 22.67 2.46 -3.01
N ASP A 154 22.80 1.23 -3.48
CA ASP A 154 21.63 0.39 -3.66
C ASP A 154 21.02 0.04 -2.31
N GLY A 155 21.83 -0.07 -1.27
CA GLY A 155 21.30 -0.41 0.05
C GLY A 155 20.82 0.75 0.89
N ASP A 156 20.87 1.96 0.35
CA ASP A 156 20.48 3.14 1.10
C ASP A 156 18.98 3.09 1.34
N PRO A 157 18.52 3.61 2.49
CA PRO A 157 17.07 3.60 2.75
C PRO A 157 16.39 4.53 1.74
N ALA A 158 15.29 4.08 1.16
CA ALA A 158 14.47 4.85 0.23
C ALA A 158 13.21 5.35 0.94
N LEU A 159 12.53 4.45 1.64
CA LEU A 159 11.30 4.81 2.34
C LEU A 159 11.33 4.19 3.72
N VAL A 160 10.66 4.81 4.68
CA VAL A 160 10.29 4.15 5.94
C VAL A 160 8.77 4.17 5.96
N VAL A 161 8.19 2.97 5.83
CA VAL A 161 6.72 2.84 5.69
C VAL A 161 6.19 2.16 6.96
N TYR A 162 5.40 2.91 7.72
CA TYR A 162 4.85 2.37 8.95
C TYR A 162 3.72 1.38 8.68
N THR A 163 3.82 0.23 9.33
CA THR A 163 2.92 -0.93 9.12
C THR A 163 2.56 -1.47 10.50
N SER A 164 1.30 -1.83 10.65
CA SER A 164 0.80 -2.29 11.94
C SER A 164 1.25 -3.71 12.27
N GLY A 165 1.48 -3.96 13.54
CA GLY A 165 1.67 -5.34 13.99
C GLY A 165 0.51 -5.73 14.88
N THR A 166 0.48 -6.99 15.31
CA THR A 166 -0.66 -7.47 16.10
C THR A 166 -0.69 -6.87 17.51
N THR A 167 0.45 -6.39 18.00
CA THR A 167 0.51 -5.70 19.27
C THR A 167 1.43 -4.49 19.05
N GLY A 168 1.19 -3.46 19.84
CA GLY A 168 2.02 -2.26 19.86
C GLY A 168 1.75 -1.31 18.73
N PRO A 169 2.41 -0.14 18.74
CA PRO A 169 2.28 0.82 17.66
C PRO A 169 3.04 0.36 16.39
N PRO A 170 2.72 0.98 15.26
CA PRO A 170 3.24 0.54 13.97
C PRO A 170 4.78 0.62 13.96
N LYS A 171 5.37 -0.29 13.19
CA LYS A 171 6.82 -0.33 13.06
C LYS A 171 7.18 0.26 11.69
N GLY A 172 8.31 0.97 11.66
CA GLY A 172 8.74 1.61 10.43
C GLY A 172 9.57 0.66 9.58
N ALA A 173 9.00 0.15 8.50
CA ALA A 173 9.75 -0.75 7.62
C ALA A 173 10.68 0.08 6.76
N VAL A 174 11.98 -0.14 6.94
CA VAL A 174 13.00 0.58 6.17
C VAL A 174 13.22 -0.18 4.88
N ILE A 175 12.84 0.44 3.76
CA ILE A 175 12.88 -0.22 2.45
C ILE A 175 14.05 0.37 1.66
N PRO A 176 15.01 -0.45 1.23
CA PRO A 176 16.15 0.08 0.48
C PRO A 176 15.83 0.40 -0.96
N ARG A 177 16.66 1.23 -1.57
CA ARG A 177 16.53 1.57 -2.98
C ARG A 177 16.51 0.35 -3.89
N ARG A 178 17.36 -0.64 -3.59
CA ARG A 178 17.36 -1.85 -4.39
C ARG A 178 16.07 -2.63 -4.43
N ALA A 179 15.34 -2.59 -3.32
CA ALA A 179 14.05 -3.30 -3.25
C ALA A 179 13.03 -2.68 -4.18
N LEU A 180 13.02 -1.36 -4.27
CA LEU A 180 12.15 -0.70 -5.21
C LEU A 180 12.46 -1.07 -6.66
N ALA A 181 13.75 -0.95 -7.04
CA ALA A 181 14.15 -1.23 -8.40
C ALA A 181 13.84 -2.71 -8.72
N THR A 182 14.16 -3.62 -7.82
CA THR A 182 13.98 -5.01 -8.18
C THR A 182 12.50 -5.41 -8.26
N THR A 183 11.68 -4.95 -7.32
CA THR A 183 10.31 -5.41 -7.32
C THR A 183 9.63 -4.80 -8.55
N LEU A 184 9.90 -3.55 -8.87
CA LEU A 184 9.26 -2.94 -10.05
C LEU A 184 9.69 -3.61 -11.37
N ASP A 185 10.95 -4.02 -11.45
CA ASP A 185 11.40 -4.66 -12.70
C ASP A 185 10.88 -6.10 -12.79
N ALA A 186 10.75 -6.75 -11.62
CA ALA A 186 10.15 -8.08 -11.59
C ALA A 186 8.72 -8.03 -12.07
N LEU A 187 7.97 -7.05 -11.55
CA LEU A 187 6.60 -6.86 -11.99
C LEU A 187 6.51 -6.50 -13.48
N ALA A 188 7.45 -5.71 -13.97
CA ALA A 188 7.47 -5.40 -15.39
C ALA A 188 7.52 -6.64 -16.29
N ASP A 189 8.34 -7.59 -15.89
CA ASP A 189 8.45 -8.88 -16.59
C ASP A 189 7.13 -9.64 -16.43
N ALA A 190 6.66 -9.80 -15.20
CA ALA A 190 5.48 -10.62 -14.99
C ALA A 190 4.25 -10.07 -15.70
N TRP A 191 4.12 -8.74 -15.67
CA TRP A 191 2.89 -8.09 -16.13
C TRP A 191 3.00 -7.55 -17.56
N GLN A 192 4.15 -7.77 -18.19
CA GLN A 192 4.43 -7.17 -19.52
C GLN A 192 4.17 -5.67 -19.50
N TRP A 193 4.62 -5.05 -18.42
CA TRP A 193 4.41 -3.61 -18.20
C TRP A 193 5.53 -2.83 -18.86
N THR A 194 5.13 -1.90 -19.72
CA THR A 194 6.08 -1.09 -20.48
C THR A 194 5.80 0.39 -20.34
N GLY A 195 6.65 1.22 -20.94
CA GLY A 195 6.40 2.65 -20.91
C GLY A 195 5.24 3.13 -21.77
N GLU A 196 4.61 2.21 -22.49
CA GLU A 196 3.37 2.54 -23.19
C GLU A 196 2.12 2.38 -22.34
N ASP A 197 2.28 1.75 -21.18
CA ASP A 197 1.14 1.61 -20.29
C ASP A 197 0.78 2.89 -19.53
N VAL A 198 -0.51 3.10 -19.36
CA VAL A 198 -1.06 4.20 -18.58
C VAL A 198 -1.86 3.56 -17.45
N LEU A 199 -1.42 3.76 -16.22
CA LEU A 199 -2.10 3.20 -15.06
C LEU A 199 -3.21 4.13 -14.59
N VAL A 200 -4.37 3.60 -14.20
CA VAL A 200 -5.31 4.35 -13.37
C VAL A 200 -5.41 3.68 -12.00
N GLN A 201 -5.45 4.49 -10.94
CA GLN A 201 -5.55 3.97 -9.60
C GLN A 201 -6.11 5.05 -8.74
N GLY A 202 -6.67 4.63 -7.60
CA GLY A 202 -7.10 5.57 -6.58
C GLY A 202 -6.73 5.10 -5.19
N LEU A 203 -5.49 4.65 -5.01
CA LEU A 203 -5.04 4.09 -3.74
C LEU A 203 -4.34 5.13 -2.88
N PRO A 204 -4.35 4.93 -1.55
CA PRO A 204 -3.60 5.85 -0.67
C PRO A 204 -2.12 5.79 -0.99
N LEU A 205 -1.47 6.94 -0.79
CA LEU A 205 -0.08 7.09 -1.19
C LEU A 205 0.89 7.02 -0.02
N PHE A 206 0.42 6.48 1.11
CA PHE A 206 1.29 6.22 2.27
C PHE A 206 1.46 4.73 2.54
N HIS A 207 1.07 3.87 1.62
CA HIS A 207 1.39 2.45 1.65
C HIS A 207 2.00 2.01 0.29
N VAL A 208 2.62 0.85 0.25
CA VAL A 208 3.44 0.47 -0.88
C VAL A 208 2.62 0.20 -2.13
N HIS A 209 1.40 -0.30 -1.98
CA HIS A 209 0.52 -0.52 -3.14
C HIS A 209 0.33 0.76 -3.98
N GLY A 210 -0.21 1.79 -3.36
CA GLY A 210 -0.46 3.05 -4.06
C GLY A 210 0.79 3.81 -4.43
N LEU A 211 1.78 3.82 -3.53
CA LEU A 211 2.94 4.69 -3.74
C LEU A 211 4.01 3.97 -4.56
N VAL A 212 4.47 2.81 -4.12
CA VAL A 212 5.55 2.13 -4.85
C VAL A 212 5.05 1.58 -6.17
N LEU A 213 4.04 0.71 -6.14
CA LEU A 213 3.58 0.17 -7.41
C LEU A 213 2.88 1.23 -8.24
N GLY A 214 2.12 2.12 -7.59
CA GLY A 214 1.18 2.97 -8.32
C GLY A 214 1.74 4.32 -8.76
N ILE A 215 2.83 4.78 -8.15
CA ILE A 215 3.46 6.04 -8.59
C ILE A 215 4.89 5.79 -9.06
N LEU A 216 5.70 5.12 -8.24
CA LEU A 216 7.07 4.85 -8.65
C LEU A 216 7.16 3.87 -9.80
N GLY A 217 6.24 2.91 -9.87
CA GLY A 217 6.29 1.93 -10.97
C GLY A 217 6.16 2.58 -12.33
N PRO A 218 5.09 3.34 -12.59
CA PRO A 218 4.99 4.04 -13.85
C PRO A 218 6.21 4.89 -14.18
N LEU A 219 6.77 5.57 -13.19
CA LEU A 219 7.92 6.42 -13.43
C LEU A 219 9.18 5.61 -13.79
N ARG A 220 9.40 4.47 -13.15
CA ARG A 220 10.49 3.60 -13.55
C ARG A 220 10.33 2.99 -14.94
N ARG A 221 9.09 2.83 -15.39
CA ARG A 221 8.84 2.26 -16.71
C ARG A 221 8.85 3.28 -17.81
N GLY A 222 8.80 4.56 -17.45
CA GLY A 222 8.66 5.58 -18.46
C GLY A 222 7.23 5.80 -18.90
N GLY A 223 6.25 5.20 -18.22
CA GLY A 223 4.85 5.40 -18.51
C GLY A 223 4.22 6.48 -17.66
N SER A 224 2.90 6.40 -17.51
CA SER A 224 2.23 7.43 -16.73
C SER A 224 1.21 6.82 -15.80
N VAL A 225 0.77 7.65 -14.85
CA VAL A 225 -0.30 7.26 -13.94
C VAL A 225 -1.30 8.39 -13.83
N ARG A 226 -2.57 8.02 -13.93
CA ARG A 226 -3.72 8.86 -13.63
C ARG A 226 -4.30 8.48 -12.29
N HIS A 227 -4.05 9.30 -11.29
CA HIS A 227 -4.54 8.98 -9.96
C HIS A 227 -5.87 9.70 -9.75
N LEU A 228 -6.85 8.92 -9.30
CA LEU A 228 -8.25 9.38 -9.23
C LEU A 228 -8.51 10.29 -8.04
N GLY A 229 -7.54 10.40 -7.14
CA GLY A 229 -7.74 11.18 -5.90
C GLY A 229 -8.48 10.32 -4.88
N ARG A 230 -9.78 10.20 -5.09
CA ARG A 230 -10.61 9.25 -4.34
C ARG A 230 -11.09 8.25 -5.39
N PHE A 231 -11.02 6.96 -5.06
CA PHE A 231 -11.46 5.93 -5.99
C PHE A 231 -12.98 6.05 -6.23
N SER A 232 -13.38 5.82 -7.47
CA SER A 232 -14.79 5.57 -7.78
C SER A 232 -14.82 4.69 -8.99
N THR A 233 -15.89 3.90 -9.11
CA THR A 233 -16.04 3.07 -10.30
C THR A 233 -16.14 3.92 -11.56
N GLU A 234 -16.86 5.04 -11.46
CA GLU A 234 -17.02 5.94 -12.60
C GLU A 234 -15.69 6.53 -13.04
N GLY A 235 -14.86 6.88 -12.04
CA GLY A 235 -13.54 7.42 -12.37
C GLY A 235 -12.64 6.41 -13.05
N ALA A 236 -12.66 5.18 -12.56
CA ALA A 236 -11.89 4.13 -13.21
C ALA A 236 -12.36 3.87 -14.63
N ALA A 237 -13.68 3.79 -14.81
CA ALA A 237 -14.23 3.52 -16.14
C ALA A 237 -13.85 4.64 -17.11
N ARG A 238 -13.92 5.89 -16.64
CA ARG A 238 -13.62 6.99 -17.54
C ARG A 238 -12.20 6.93 -18.07
N GLU A 239 -11.24 6.67 -17.17
CA GLU A 239 -9.86 6.61 -17.63
C GLU A 239 -9.59 5.44 -18.54
N LEU A 240 -10.09 4.26 -18.16
CA LEU A 240 -9.91 3.06 -18.98
C LEU A 240 -10.56 3.18 -20.37
N ASN A 241 -11.59 4.02 -20.48
CA ASN A 241 -12.22 4.27 -21.79
C ASN A 241 -11.53 5.42 -22.53
N ASP A 242 -10.51 6.01 -21.90
CA ASP A 242 -9.83 7.19 -22.45
C ASP A 242 -8.32 7.05 -22.35
N GLY A 243 -7.78 5.88 -22.68
CA GLY A 243 -6.35 5.65 -22.80
C GLY A 243 -5.62 4.94 -21.67
N ALA A 244 -6.24 4.81 -20.48
CA ALA A 244 -5.58 4.01 -19.45
C ALA A 244 -5.65 2.55 -19.80
N THR A 245 -4.56 1.83 -19.55
CA THR A 245 -4.43 0.45 -20.02
C THR A 245 -4.41 -0.52 -18.84
N MET A 246 -4.16 -0.03 -17.63
CA MET A 246 -4.01 -0.90 -16.45
C MET A 246 -4.79 -0.28 -15.30
N LEU A 247 -5.42 -1.13 -14.50
CA LEU A 247 -6.05 -0.71 -13.23
C LEU A 247 -5.44 -1.51 -12.08
N PHE A 248 -5.01 -0.84 -10.99
CA PHE A 248 -4.63 -1.49 -9.75
C PHE A 248 -5.64 -1.10 -8.68
N GLY A 249 -6.04 -2.09 -7.89
CA GLY A 249 -6.95 -1.82 -6.78
C GLY A 249 -6.84 -2.93 -5.74
N VAL A 250 -7.46 -2.63 -4.60
CA VAL A 250 -7.69 -3.66 -3.59
C VAL A 250 -9.05 -4.35 -3.81
N PRO A 251 -9.26 -5.51 -3.17
CA PRO A 251 -10.50 -6.20 -3.41
C PRO A 251 -11.78 -5.41 -3.15
N THR A 252 -11.78 -4.51 -2.18
CA THR A 252 -12.97 -3.70 -1.96
C THR A 252 -13.37 -2.93 -3.21
N MET A 253 -12.37 -2.42 -3.95
CA MET A 253 -12.67 -1.65 -5.16
C MET A 253 -13.22 -2.58 -6.23
N TYR A 254 -12.67 -3.77 -6.34
CA TYR A 254 -13.25 -4.74 -7.27
C TYR A 254 -14.63 -5.23 -6.87
N HIS A 255 -14.90 -5.30 -5.57
CA HIS A 255 -16.25 -5.65 -5.13
C HIS A 255 -17.23 -4.57 -5.54
N ARG A 256 -16.84 -3.32 -5.38
CA ARG A 256 -17.74 -2.23 -5.76
C ARG A 256 -17.91 -2.18 -7.27
N ILE A 257 -16.85 -2.48 -8.02
CA ILE A 257 -17.00 -2.68 -9.46
C ILE A 257 -17.99 -3.79 -9.79
N ALA A 258 -17.86 -4.93 -9.10
CA ALA A 258 -18.75 -6.06 -9.40
C ALA A 258 -20.21 -5.73 -9.09
N GLU A 259 -20.46 -4.97 -8.04
CA GLU A 259 -21.84 -4.60 -7.67
C GLU A 259 -22.47 -3.68 -8.73
N THR A 260 -21.65 -2.87 -9.40
CA THR A 260 -22.11 -1.75 -10.25
C THR A 260 -22.22 -2.23 -11.71
N LEU A 261 -21.57 -3.32 -12.04
CA LEU A 261 -21.46 -3.74 -13.45
C LEU A 261 -22.78 -3.91 -14.17
N PRO A 262 -23.76 -4.55 -13.52
CA PRO A 262 -24.99 -4.79 -14.25
C PRO A 262 -25.62 -3.51 -14.75
N ALA A 263 -25.43 -2.42 -14.01
CA ALA A 263 -26.08 -1.15 -14.31
C ALA A 263 -25.27 -0.29 -15.25
N ASP A 264 -24.00 -0.64 -15.40
CA ASP A 264 -23.05 0.31 -15.95
C ASP A 264 -22.32 -0.21 -17.18
N PRO A 265 -22.94 -0.01 -18.36
CA PRO A 265 -22.33 -0.54 -19.58
C PRO A 265 -20.95 0.03 -19.86
N GLU A 266 -20.73 1.30 -19.55
CA GLU A 266 -19.42 1.86 -19.82
C GLU A 266 -18.30 1.30 -18.95
N LEU A 267 -18.67 0.88 -17.73
CA LEU A 267 -17.71 0.20 -16.87
C LEU A 267 -17.36 -1.18 -17.41
N ALA A 268 -18.38 -1.90 -17.89
CA ALA A 268 -18.11 -3.21 -18.47
C ALA A 268 -17.17 -3.14 -19.69
N LYS A 269 -17.43 -2.14 -20.54
CA LYS A 269 -16.56 -1.96 -21.71
C LYS A 269 -15.15 -1.52 -21.33
N ALA A 270 -15.07 -0.64 -20.35
CA ALA A 270 -13.77 -0.22 -19.80
C ALA A 270 -12.94 -1.40 -19.37
N LEU A 271 -13.53 -2.27 -18.54
CA LEU A 271 -12.80 -3.44 -18.06
C LEU A 271 -12.50 -4.43 -19.19
N ALA A 272 -13.46 -4.61 -20.10
CA ALA A 272 -13.21 -5.55 -21.19
C ALA A 272 -12.04 -5.10 -22.06
N GLY A 273 -11.84 -3.79 -22.15
CA GLY A 273 -10.80 -3.25 -23.03
C GLY A 273 -9.44 -3.06 -22.40
N ALA A 274 -9.38 -3.19 -21.08
CA ALA A 274 -8.11 -2.96 -20.37
C ALA A 274 -7.06 -3.97 -20.77
N ARG A 275 -5.79 -3.56 -20.81
CA ARG A 275 -4.73 -4.55 -20.99
C ARG A 275 -4.63 -5.45 -19.75
N LEU A 276 -4.65 -4.87 -18.55
CA LEU A 276 -4.43 -5.65 -17.36
C LEU A 276 -5.23 -5.08 -16.19
N LEU A 277 -5.89 -5.94 -15.44
CA LEU A 277 -6.58 -5.56 -14.20
C LEU A 277 -5.88 -6.33 -13.09
N VAL A 278 -5.39 -5.63 -12.06
CA VAL A 278 -4.62 -6.26 -10.99
C VAL A 278 -5.26 -5.92 -9.64
N SER A 279 -5.32 -6.95 -8.78
CA SER A 279 -5.80 -6.80 -7.40
C SER A 279 -4.71 -7.26 -6.45
N GLY A 280 -4.63 -6.60 -5.30
CA GLY A 280 -3.69 -7.05 -4.28
C GLY A 280 -4.05 -6.43 -2.95
N SER A 281 -3.21 -6.73 -1.94
CA SER A 281 -3.30 -6.26 -0.57
C SER A 281 -4.18 -7.11 0.32
N ALA A 282 -5.01 -7.95 -0.30
CA ALA A 282 -5.95 -8.85 0.38
C ALA A 282 -6.47 -9.77 -0.71
N ALA A 283 -7.12 -10.85 -0.30
CA ALA A 283 -7.63 -11.83 -1.27
C ALA A 283 -8.87 -11.30 -1.98
N LEU A 284 -8.92 -11.52 -3.29
CA LEU A 284 -10.09 -11.21 -4.07
C LEU A 284 -11.11 -12.38 -4.03
N PRO A 285 -12.27 -12.13 -3.40
CA PRO A 285 -13.19 -13.26 -3.28
C PRO A 285 -13.65 -13.82 -4.64
N VAL A 286 -13.91 -15.12 -4.71
CA VAL A 286 -14.23 -15.76 -5.97
C VAL A 286 -15.56 -15.21 -6.50
N HIS A 287 -16.46 -14.82 -5.61
CA HIS A 287 -17.74 -14.28 -6.07
C HIS A 287 -17.54 -12.98 -6.84
N ASP A 288 -16.57 -12.16 -6.42
CA ASP A 288 -16.27 -10.92 -7.13
C ASP A 288 -15.54 -11.21 -8.44
N HIS A 289 -14.56 -12.12 -8.40
CA HIS A 289 -13.85 -12.53 -9.61
C HIS A 289 -14.85 -12.94 -10.68
N GLU A 290 -15.75 -13.86 -10.31
CA GLU A 290 -16.58 -14.48 -11.33
C GLU A 290 -17.65 -13.51 -11.82
N ARG A 291 -18.12 -12.58 -10.98
CA ARG A 291 -19.05 -11.57 -11.45
C ARG A 291 -18.41 -10.61 -12.43
N ILE A 292 -17.13 -10.32 -12.23
CA ILE A 292 -16.41 -9.52 -13.21
C ILE A 292 -16.22 -10.27 -14.52
N ALA A 293 -15.79 -11.52 -14.44
CA ALA A 293 -15.61 -12.36 -15.64
C ALA A 293 -16.92 -12.54 -16.37
N ALA A 294 -18.03 -12.77 -15.66
CA ALA A 294 -19.35 -12.93 -16.31
C ALA A 294 -19.78 -11.68 -17.08
N ALA A 295 -19.40 -10.51 -16.58
CA ALA A 295 -19.84 -9.24 -17.14
C ALA A 295 -18.97 -8.69 -18.25
N THR A 296 -17.70 -9.06 -18.25
CA THR A 296 -16.66 -8.42 -19.06
C THR A 296 -15.90 -9.42 -19.92
N GLY A 297 -16.00 -10.72 -19.61
CA GLY A 297 -15.25 -11.74 -20.33
C GLY A 297 -13.78 -11.83 -20.01
N ARG A 298 -13.33 -11.10 -18.98
CA ARG A 298 -11.93 -11.25 -18.62
C ARG A 298 -11.68 -11.21 -17.11
N ARG A 299 -10.44 -11.48 -16.76
CA ARG A 299 -10.08 -11.89 -15.42
C ARG A 299 -9.20 -10.83 -14.78
N VAL A 300 -9.18 -10.88 -13.46
CA VAL A 300 -8.33 -10.01 -12.67
C VAL A 300 -7.12 -10.77 -12.13
N ILE A 301 -5.92 -10.27 -12.40
CA ILE A 301 -4.67 -10.88 -11.93
C ILE A 301 -4.58 -10.55 -10.44
N GLU A 302 -4.18 -11.52 -9.62
CA GLU A 302 -3.81 -11.21 -8.23
C GLU A 302 -2.32 -11.38 -7.99
N ARG A 303 -1.75 -10.49 -7.20
CA ARG A 303 -0.37 -10.62 -6.80
C ARG A 303 -0.33 -10.49 -5.29
N TYR A 304 0.68 -11.14 -4.71
CA TYR A 304 0.83 -11.23 -3.27
C TYR A 304 2.11 -10.55 -2.84
N GLY A 305 1.97 -9.62 -1.90
CA GLY A 305 3.12 -8.89 -1.39
C GLY A 305 2.79 -8.39 0.00
N MET A 306 3.78 -7.70 0.57
CA MET A 306 3.71 -7.18 1.94
C MET A 306 4.62 -5.97 1.94
N THR A 307 4.47 -5.11 2.94
CA THR A 307 5.38 -3.97 3.08
C THR A 307 6.84 -4.41 3.21
N GLU A 308 7.08 -5.44 4.04
CA GLU A 308 8.44 -5.88 4.34
C GLU A 308 9.10 -6.60 3.18
N THR A 309 8.31 -7.15 2.27
CA THR A 309 8.87 -7.95 1.16
C THR A 309 8.63 -7.32 -0.19
N LEU A 310 7.93 -6.18 -0.23
CA LEU A 310 7.33 -5.79 -1.50
C LEU A 310 6.68 -7.01 -2.16
N MET A 311 6.74 -7.15 -3.49
CA MET A 311 5.92 -8.19 -4.16
C MET A 311 6.67 -9.51 -4.19
N ASN A 312 5.93 -10.58 -3.91
CA ASN A 312 6.53 -11.93 -3.91
C ASN A 312 6.10 -12.81 -5.08
N THR A 313 4.81 -12.85 -5.36
CA THR A 313 4.24 -13.73 -6.40
C THR A 313 3.21 -12.95 -7.19
N SER A 314 2.96 -13.40 -8.41
CA SER A 314 1.83 -12.93 -9.16
C SER A 314 1.42 -13.98 -10.19
N VAL A 315 0.15 -13.99 -10.54
CA VAL A 315 -0.27 -14.49 -11.86
C VAL A 315 0.38 -13.62 -12.93
N ARG A 316 0.91 -14.24 -13.99
CA ARG A 316 1.57 -13.48 -15.03
C ARG A 316 0.54 -13.07 -16.08
N ALA A 317 0.84 -11.98 -16.79
CA ALA A 317 0.03 -11.57 -17.93
C ALA A 317 -0.02 -12.64 -19.01
N ASP A 318 1.03 -13.44 -19.11
CA ASP A 318 1.06 -14.54 -20.09
C ASP A 318 0.70 -15.91 -19.54
N GLY A 319 0.13 -15.94 -18.34
CA GLY A 319 -0.17 -17.17 -17.60
C GLY A 319 -1.66 -17.44 -17.64
N GLU A 320 -2.09 -18.56 -17.10
CA GLU A 320 -3.52 -18.88 -17.01
C GLU A 320 -4.11 -18.10 -15.84
N PRO A 321 -5.25 -17.44 -16.03
CA PRO A 321 -5.93 -16.81 -14.90
C PRO A 321 -6.62 -17.86 -14.02
N ARG A 322 -6.38 -17.88 -12.71
CA ARG A 322 -6.96 -18.93 -11.88
C ARG A 322 -7.44 -18.22 -10.62
N ALA A 323 -8.74 -18.01 -10.50
CA ALA A 323 -9.34 -17.44 -9.28
C ALA A 323 -8.86 -18.04 -7.97
N GLY A 324 -8.63 -17.17 -7.00
CA GLY A 324 -8.20 -17.59 -5.67
C GLY A 324 -6.74 -17.97 -5.53
N THR A 325 -5.96 -17.67 -6.56
CA THR A 325 -4.54 -17.93 -6.51
C THR A 325 -3.77 -16.61 -6.59
N VAL A 326 -2.52 -16.63 -6.17
CA VAL A 326 -1.60 -15.53 -6.38
C VAL A 326 -0.40 -15.91 -7.27
N GLY A 327 -0.62 -16.91 -8.12
CA GLY A 327 0.36 -17.26 -9.15
C GLY A 327 1.71 -17.72 -8.65
N VAL A 328 2.76 -17.37 -9.37
CA VAL A 328 4.08 -17.97 -9.16
C VAL A 328 5.09 -16.92 -8.66
N PRO A 329 6.16 -17.34 -7.99
CA PRO A 329 7.20 -16.41 -7.58
C PRO A 329 7.67 -15.48 -8.69
N LEU A 330 7.75 -14.19 -8.37
CA LEU A 330 8.32 -13.24 -9.30
C LEU A 330 9.79 -13.50 -9.58
N PRO A 331 10.28 -13.03 -10.73
CA PRO A 331 11.71 -13.13 -11.01
C PRO A 331 12.55 -12.65 -9.85
N GLY A 332 13.53 -13.44 -9.43
CA GLY A 332 14.43 -13.01 -8.39
C GLY A 332 13.98 -13.27 -6.96
N VAL A 333 12.73 -13.74 -6.79
CA VAL A 333 12.23 -14.02 -5.45
C VAL A 333 12.38 -15.52 -5.17
N GLU A 334 13.07 -15.83 -4.09
CA GLU A 334 13.14 -17.22 -3.63
C GLU A 334 12.01 -17.46 -2.65
N LEU A 335 11.21 -18.48 -2.90
CA LEU A 335 10.02 -18.76 -2.10
C LEU A 335 10.04 -20.24 -1.71
N ARG A 336 9.68 -20.49 -0.45
CA ARG A 336 9.50 -21.87 0.04
C ARG A 336 8.31 -21.94 0.97
N LEU A 337 7.77 -23.14 1.15
CA LEU A 337 6.68 -23.37 2.08
C LEU A 337 7.24 -24.29 3.15
N VAL A 338 6.94 -24.01 4.42
CA VAL A 338 7.43 -24.85 5.52
C VAL A 338 6.36 -25.34 6.50
N PRO A 344 10.45 -28.06 5.03
CA PRO A 344 10.08 -27.60 3.70
C PRO A 344 9.12 -28.55 2.99
N ILE A 345 7.99 -28.01 2.53
CA ILE A 345 7.06 -28.73 1.69
C ILE A 345 7.51 -28.73 0.24
N ALA A 346 7.69 -29.94 -0.32
CA ALA A 346 8.24 -30.09 -1.66
C ALA A 346 7.15 -30.37 -2.71
N ALA A 347 6.07 -31.03 -2.29
CA ALA A 347 5.08 -31.47 -3.27
C ALA A 347 4.22 -30.31 -3.71
N LEU A 348 3.94 -30.33 -5.00
CA LEU A 348 3.05 -29.35 -5.64
C LEU A 348 1.67 -30.00 -5.73
N ASP A 349 1.09 -30.28 -4.56
CA ASP A 349 -0.09 -31.17 -4.45
C ASP A 349 -1.43 -30.47 -4.22
N GLY A 350 -1.46 -29.15 -4.08
CA GLY A 350 -2.67 -28.39 -3.78
C GLY A 350 -3.32 -28.67 -2.43
N GLU A 351 -2.61 -29.40 -1.59
CA GLU A 351 -3.13 -29.79 -0.27
C GLU A 351 -2.22 -29.41 0.89
N SER A 352 -0.95 -29.81 0.82
CA SER A 352 -0.04 -29.58 1.94
C SER A 352 0.11 -28.11 2.36
N VAL A 353 -0.44 -27.76 3.51
CA VAL A 353 -0.45 -26.39 4.02
C VAL A 353 0.85 -26.01 4.74
N GLY A 354 1.44 -24.88 4.37
CA GLY A 354 2.69 -24.47 4.94
C GLY A 354 2.88 -22.97 4.93
N GLU A 355 3.84 -22.52 5.73
CA GLU A 355 4.17 -21.10 5.85
C GLU A 355 5.03 -20.66 4.67
N ILE A 356 4.57 -19.62 3.99
CA ILE A 356 5.43 -18.96 3.01
C ILE A 356 6.62 -18.25 3.69
N GLN A 357 7.80 -18.48 3.14
CA GLN A 357 9.00 -17.74 3.50
C GLN A 357 9.70 -17.32 2.23
N VAL A 358 10.20 -16.09 2.22
CA VAL A 358 10.80 -15.51 1.01
C VAL A 358 12.16 -14.88 1.29
N ARG A 359 12.99 -14.88 0.26
CA ARG A 359 14.28 -14.22 0.29
C ARG A 359 14.52 -13.61 -1.08
N GLY A 360 15.21 -12.47 -1.08
CA GLY A 360 15.58 -11.80 -2.33
C GLY A 360 15.81 -10.31 -2.13
N PRO A 361 16.11 -9.62 -3.23
CA PRO A 361 16.51 -8.21 -3.10
C PRO A 361 15.31 -7.27 -2.97
N ASN A 362 14.11 -7.86 -3.02
CA ASN A 362 12.84 -7.18 -2.66
C ASN A 362 12.62 -6.95 -1.18
N LEU A 363 13.42 -7.58 -0.33
CA LEU A 363 13.23 -7.52 1.13
C LEU A 363 13.61 -6.16 1.73
N PHE A 364 12.89 -5.79 2.79
CA PHE A 364 13.24 -4.62 3.57
C PHE A 364 14.57 -4.83 4.30
N THR A 365 15.12 -3.72 4.77
CA THR A 365 16.35 -3.73 5.56
C THR A 365 16.11 -4.12 7.00
N GLU A 366 15.15 -3.47 7.65
CA GLU A 366 14.93 -3.65 9.09
C GLU A 366 13.65 -2.93 9.49
N TYR A 367 13.17 -3.20 10.70
CA TYR A 367 12.24 -2.29 11.35
C TYR A 367 13.05 -1.22 12.09
N LEU A 368 12.75 0.04 11.80
CA LEU A 368 13.49 1.15 12.39
C LEU A 368 13.48 1.09 13.92
N ASN A 369 14.67 1.13 14.52
CA ASN A 369 14.79 1.17 15.99
C ASN A 369 14.33 -0.10 16.67
N ARG A 370 14.14 -1.17 15.91
CA ARG A 370 13.63 -2.41 16.48
C ARG A 370 14.48 -3.58 16.00
N PRO A 371 15.69 -3.73 16.56
CA PRO A 371 16.58 -4.80 16.13
C PRO A 371 16.12 -6.19 16.55
N ASP A 372 15.40 -6.29 17.67
CA ASP A 372 14.89 -7.59 18.07
C ASP A 372 13.71 -8.06 17.22
N ALA A 373 12.80 -7.15 16.91
CA ALA A 373 11.67 -7.52 16.04
C ALA A 373 12.20 -7.86 14.66
N THR A 374 13.24 -7.14 14.23
CA THR A 374 13.84 -7.42 12.94
C THR A 374 14.43 -8.82 12.91
N ALA A 375 15.22 -9.17 13.93
CA ALA A 375 15.81 -10.51 13.99
C ALA A 375 14.75 -11.62 14.03
N ALA A 376 13.66 -11.37 14.75
CA ALA A 376 12.58 -12.34 14.89
C ALA A 376 11.90 -12.65 13.56
N ALA A 377 11.95 -11.71 12.64
CA ALA A 377 11.19 -11.84 11.38
C ALA A 377 11.88 -12.77 10.38
N PHE A 378 13.16 -13.07 10.65
CA PHE A 378 14.02 -13.77 9.72
C PHE A 378 14.38 -15.14 10.26
N THR A 379 14.51 -16.11 9.36
CA THR A 379 15.08 -17.40 9.72
C THR A 379 16.61 -17.26 9.80
N GLU A 380 17.28 -18.31 10.27
CA GLU A 380 18.74 -18.27 10.38
C GLU A 380 19.40 -18.08 9.03
N ASP A 381 18.79 -18.62 7.98
CA ASP A 381 19.35 -18.50 6.64
C ASP A 381 18.78 -17.35 5.80
N GLY A 382 18.13 -16.40 6.47
CA GLY A 382 17.80 -15.11 5.90
C GLY A 382 16.48 -15.03 5.15
N PHE A 383 15.59 -16.00 5.35
CA PHE A 383 14.24 -15.90 4.80
C PHE A 383 13.34 -15.10 5.76
N PHE A 384 12.44 -14.34 5.17
CA PHE A 384 11.45 -13.60 5.93
C PHE A 384 10.28 -14.52 6.19
N ARG A 385 9.80 -14.50 7.44
CA ARG A 385 8.66 -15.31 7.86
C ARG A 385 7.37 -14.53 7.64
N THR A 386 6.58 -14.93 6.65
CA THR A 386 5.45 -14.09 6.27
C THR A 386 4.28 -14.27 7.23
N GLY A 387 4.23 -15.44 7.86
CA GLY A 387 3.08 -15.86 8.65
C GLY A 387 1.91 -16.37 7.82
N ASP A 388 1.99 -16.17 6.50
CA ASP A 388 0.89 -16.53 5.60
C ASP A 388 0.95 -18.00 5.27
N MET A 389 -0.23 -18.63 5.30
CA MET A 389 -0.29 -20.04 5.03
C MET A 389 -0.86 -20.32 3.63
N ALA A 390 -0.28 -21.30 2.97
CA ALA A 390 -0.55 -21.55 1.55
C ALA A 390 -0.40 -23.01 1.18
N VAL A 391 -0.97 -23.35 0.03
CA VAL A 391 -0.57 -24.55 -0.70
C VAL A 391 -0.01 -24.13 -2.06
N ARG A 392 0.70 -25.02 -2.75
CA ARG A 392 0.90 -24.87 -4.19
C ARG A 392 0.24 -25.99 -4.98
N ASP A 393 -0.29 -25.61 -6.13
CA ASP A 393 -0.89 -26.55 -7.06
C ASP A 393 0.16 -27.18 -8.01
N PRO A 394 -0.25 -28.17 -8.83
CA PRO A 394 0.70 -28.85 -9.68
C PRO A 394 1.36 -27.96 -10.74
N ASP A 395 0.77 -26.80 -11.05
CA ASP A 395 1.33 -25.80 -11.97
C ASP A 395 2.30 -24.85 -11.27
N GLY A 396 2.54 -25.04 -9.98
CA GLY A 396 3.40 -24.12 -9.26
C GLY A 396 2.63 -22.94 -8.65
N TYR A 397 1.34 -22.81 -8.95
CA TYR A 397 0.61 -21.64 -8.45
C TYR A 397 0.38 -21.73 -6.94
N VAL A 398 0.60 -20.61 -6.25
CA VAL A 398 0.38 -20.50 -4.82
C VAL A 398 -1.06 -20.10 -4.50
N ARG A 399 -1.69 -20.83 -3.56
CA ARG A 399 -2.99 -20.40 -3.03
C ARG A 399 -2.87 -20.11 -1.54
N ILE A 400 -3.12 -18.87 -1.12
CA ILE A 400 -3.07 -18.51 0.30
C ILE A 400 -4.37 -18.99 0.96
N VAL A 401 -4.23 -19.70 2.07
CA VAL A 401 -5.36 -20.43 2.65
C VAL A 401 -5.51 -20.16 4.15
N GLY A 402 -4.66 -19.33 4.72
CA GLY A 402 -4.80 -19.00 6.13
C GLY A 402 -3.57 -18.31 6.67
N ARG A 403 -3.11 -18.80 7.83
CA ARG A 403 -2.06 -18.23 8.69
C ARG A 403 -1.45 -19.25 9.65
N LYS A 404 -0.17 -19.11 9.96
CA LYS A 404 0.58 -20.03 10.87
C LYS A 404 0.03 -20.16 12.27
N ALA A 405 -0.10 -19.04 12.95
CA ALA A 405 -0.46 -19.02 14.36
C ALA A 405 -1.40 -17.95 14.75
N THR A 406 -1.50 -16.88 13.95
CA THR A 406 -2.12 -15.70 14.42
C THR A 406 -2.72 -14.99 13.25
N ASP A 407 -4.03 -14.83 13.32
CA ASP A 407 -4.77 -14.21 12.25
C ASP A 407 -4.38 -12.73 12.32
N LEU A 408 -4.35 -12.07 11.16
CA LEU A 408 -4.33 -10.61 11.09
C LEU A 408 -5.68 -10.03 10.60
N ILE A 409 -5.87 -8.71 10.73
CA ILE A 409 -7.12 -8.04 10.30
C ILE A 409 -6.86 -7.21 9.06
N LYS A 410 -7.57 -7.54 7.98
CA LYS A 410 -7.44 -6.76 6.75
C LYS A 410 -8.78 -6.15 6.42
N SER A 411 -8.87 -4.84 6.51
CA SER A 411 -10.08 -4.12 6.27
C SER A 411 -9.84 -3.12 5.14
N GLY A 412 -10.57 -3.28 4.04
CA GLY A 412 -10.34 -2.44 2.87
C GLY A 412 -8.95 -2.62 2.31
N GLY A 413 -8.28 -3.72 2.63
CA GLY A 413 -6.90 -3.91 2.22
C GLY A 413 -5.86 -3.18 3.06
N TYR A 414 -6.32 -2.53 4.14
CA TYR A 414 -5.41 -2.02 5.17
C TYR A 414 -5.14 -3.11 6.19
N LYS A 415 -3.88 -3.32 6.56
CA LYS A 415 -3.57 -4.22 7.66
C LYS A 415 -3.76 -3.48 8.99
N ILE A 416 -4.58 -4.05 9.86
CA ILE A 416 -4.92 -3.35 11.08
C ILE A 416 -4.44 -4.16 12.28
N GLY A 417 -3.81 -3.50 13.25
CA GLY A 417 -3.32 -4.21 14.44
C GLY A 417 -4.31 -4.11 15.58
N ALA A 418 -4.73 -5.26 16.06
CA ALA A 418 -5.71 -5.27 17.14
C ALA A 418 -5.22 -4.61 18.41
N GLY A 419 -3.97 -4.89 18.77
CA GLY A 419 -3.45 -4.32 20.02
C GLY A 419 -3.51 -2.82 20.07
N GLU A 420 -3.14 -2.14 18.99
CA GLU A 420 -3.11 -0.70 19.11
C GLU A 420 -4.50 -0.09 19.12
N ILE A 421 -5.47 -0.76 18.52
CA ILE A 421 -6.84 -0.29 18.68
C ILE A 421 -7.35 -0.50 20.12
N GLU A 422 -7.02 -1.66 20.69
CA GLU A 422 -7.36 -1.89 22.09
C GLU A 422 -6.74 -0.81 22.99
N ASN A 423 -5.48 -0.50 22.73
CA ASN A 423 -4.81 0.47 23.59
C ASN A 423 -5.46 1.83 23.48
N ALA A 424 -5.87 2.23 22.27
CA ALA A 424 -6.62 3.48 22.13
C ALA A 424 -7.97 3.41 22.80
N LEU A 425 -8.72 2.31 22.64
CA LEU A 425 -10.02 2.23 23.30
C LEU A 425 -9.93 2.35 24.82
N LEU A 426 -8.87 1.76 25.38
CA LEU A 426 -8.65 1.79 26.82
C LEU A 426 -8.48 3.20 27.37
N GLU A 427 -8.09 4.16 26.55
CA GLU A 427 -8.00 5.54 27.00
C GLU A 427 -9.38 6.18 27.24
N HIS A 428 -10.45 5.61 26.68
CA HIS A 428 -11.75 6.24 26.79
C HIS A 428 -12.30 6.01 28.20
N PRO A 429 -12.90 7.05 28.81
CA PRO A 429 -13.32 6.91 30.20
C PRO A 429 -14.50 5.96 30.39
N GLU A 430 -15.17 5.58 29.30
CA GLU A 430 -16.30 4.68 29.46
C GLU A 430 -15.93 3.22 29.21
N VAL A 431 -14.63 2.96 29.00
CA VAL A 431 -14.13 1.62 28.72
C VAL A 431 -13.31 1.11 29.91
N ARG A 432 -13.72 -0.02 30.45
CA ARG A 432 -12.91 -0.68 31.48
C ARG A 432 -11.84 -1.54 30.86
N GLU A 433 -12.24 -2.40 29.90
CA GLU A 433 -11.29 -3.29 29.21
C GLU A 433 -11.77 -3.40 27.78
N ALA A 434 -10.85 -3.78 26.89
CA ALA A 434 -11.21 -3.87 25.46
C ALA A 434 -10.50 -5.04 24.81
N ALA A 435 -11.18 -5.65 23.85
CA ALA A 435 -10.56 -6.58 22.92
C ALA A 435 -11.04 -6.23 21.52
N VAL A 436 -10.17 -6.46 20.54
CA VAL A 436 -10.50 -6.12 19.16
C VAL A 436 -10.28 -7.36 18.31
N THR A 437 -11.25 -7.59 17.43
CA THR A 437 -11.13 -8.68 16.45
C THR A 437 -11.59 -8.19 15.09
N GLY A 438 -11.42 -9.03 14.07
CA GLY A 438 -12.07 -8.79 12.79
C GLY A 438 -13.19 -9.77 12.57
N GLU A 439 -14.23 -9.34 11.86
CA GLU A 439 -15.26 -10.29 11.41
C GLU A 439 -15.55 -10.05 9.93
N PRO A 440 -16.05 -11.07 9.23
CA PRO A 440 -16.20 -10.93 7.79
C PRO A 440 -17.16 -9.85 7.36
N ASP A 441 -16.84 -9.21 6.23
CA ASP A 441 -17.59 -8.10 5.71
C ASP A 441 -17.52 -8.19 4.18
N PRO A 442 -18.67 -8.19 3.50
CA PRO A 442 -18.54 -8.51 2.08
C PRO A 442 -17.88 -7.40 1.26
N ASP A 443 -17.88 -6.19 1.80
CA ASP A 443 -17.29 -5.03 1.10
C ASP A 443 -15.84 -4.81 1.55
N LEU A 444 -15.59 -4.83 2.85
CA LEU A 444 -14.27 -4.57 3.41
C LEU A 444 -13.35 -5.76 3.55
N GLY A 445 -13.92 -6.96 3.39
CA GLY A 445 -13.19 -8.17 3.69
C GLY A 445 -13.35 -8.56 5.15
N GLU A 446 -12.79 -7.73 6.03
CA GLU A 446 -13.14 -7.79 7.44
C GLU A 446 -13.49 -6.42 7.94
N ARG A 447 -14.32 -6.37 8.98
CA ARG A 447 -14.59 -5.11 9.68
C ARG A 447 -14.12 -5.26 11.11
N ILE A 448 -13.64 -4.16 11.68
CA ILE A 448 -13.13 -4.13 13.06
C ILE A 448 -14.25 -4.13 14.11
N VAL A 449 -14.16 -5.09 15.02
CA VAL A 449 -15.10 -5.22 16.13
C VAL A 449 -14.38 -4.82 17.44
N ALA A 450 -15.04 -3.91 18.14
CA ALA A 450 -14.65 -3.57 19.52
C ALA A 450 -15.49 -4.34 20.51
N TRP A 451 -14.83 -5.11 21.37
CA TRP A 451 -15.50 -5.84 22.45
C TRP A 451 -15.13 -5.08 23.72
N ILE A 452 -16.14 -4.58 24.40
CA ILE A 452 -15.95 -3.58 25.47
C ILE A 452 -16.55 -4.12 26.78
N VAL A 453 -15.78 -4.07 27.86
CA VAL A 453 -16.36 -4.12 29.20
C VAL A 453 -16.58 -2.68 29.61
N PRO A 454 -17.86 -2.25 29.70
CA PRO A 454 -18.13 -0.84 29.94
C PRO A 454 -17.77 -0.45 31.37
N ALA A 455 -17.45 0.83 31.57
CA ALA A 455 -17.40 1.40 32.93
C ALA A 455 -18.72 1.19 33.68
N ASP A 456 -19.82 1.46 32.99
CA ASP A 456 -21.17 1.34 33.54
C ASP A 456 -21.98 0.44 32.64
N PRO A 457 -22.26 -0.80 33.07
CA PRO A 457 -22.96 -1.74 32.18
C PRO A 457 -24.37 -1.26 31.81
N ALA A 458 -24.92 -0.36 32.62
CA ALA A 458 -26.27 0.13 32.39
C ALA A 458 -26.25 1.34 31.46
N ALA A 459 -25.06 1.92 31.26
CA ALA A 459 -24.89 2.99 30.29
C ALA A 459 -23.61 2.83 29.47
N PRO A 460 -23.60 1.82 28.59
CA PRO A 460 -22.36 1.52 27.87
C PRO A 460 -22.10 2.55 26.77
N PRO A 461 -20.83 2.79 26.43
CA PRO A 461 -20.51 3.73 25.38
C PRO A 461 -20.96 3.24 24.02
N ALA A 462 -21.58 4.15 23.27
CA ALA A 462 -22.09 3.83 21.95
C ALA A 462 -20.96 3.67 20.95
N LEU A 463 -21.28 3.02 19.85
CA LEU A 463 -20.28 2.84 18.78
C LEU A 463 -19.69 4.19 18.37
N GLY A 464 -20.51 5.21 18.12
CA GLY A 464 -19.98 6.44 17.54
C GLY A 464 -18.93 7.10 18.42
N THR A 465 -19.15 7.12 19.74
CA THR A 465 -18.16 7.72 20.62
C THR A 465 -16.83 6.98 20.55
N LEU A 466 -16.88 5.65 20.51
CA LEU A 466 -15.66 4.84 20.49
C LEU A 466 -14.98 4.94 19.13
N ALA A 467 -15.75 4.92 18.04
CA ALA A 467 -15.20 5.04 16.70
C ALA A 467 -14.56 6.40 16.48
N ASP A 468 -15.21 7.46 16.95
CA ASP A 468 -14.66 8.80 16.77
C ASP A 468 -13.35 8.89 17.56
N HIS A 469 -13.34 8.32 18.76
CA HIS A 469 -12.14 8.40 19.56
C HIS A 469 -10.99 7.67 18.86
N VAL A 470 -11.21 6.45 18.39
CA VAL A 470 -10.12 5.75 17.69
C VAL A 470 -9.70 6.47 16.41
N ALA A 471 -10.66 7.02 15.68
CA ALA A 471 -10.31 7.79 14.48
C ALA A 471 -9.46 9.02 14.81
N ALA A 472 -9.70 9.66 15.95
CA ALA A 472 -8.98 10.87 16.35
C ALA A 472 -7.61 10.58 16.93
N ARG A 473 -7.42 9.39 17.47
CA ARG A 473 -6.13 8.99 17.99
C ARG A 473 -5.23 8.35 16.96
N LEU A 474 -5.82 7.43 16.20
CA LEU A 474 -5.07 6.62 15.24
C LEU A 474 -5.37 7.09 13.83
N ALA A 475 -6.39 6.50 13.22
CA ALA A 475 -6.79 6.98 11.90
C ALA A 475 -8.21 6.49 11.62
N PRO A 476 -8.95 7.18 10.74
CA PRO A 476 -10.32 6.75 10.47
C PRO A 476 -10.45 5.30 10.00
N HIS A 477 -9.51 4.81 9.19
CA HIS A 477 -9.64 3.46 8.65
C HIS A 477 -9.48 2.39 9.72
N LYS A 478 -9.00 2.81 10.90
CA LYS A 478 -8.76 1.88 12.01
C LYS A 478 -9.94 1.85 12.98
N ARG A 479 -10.97 2.64 12.73
CA ARG A 479 -12.06 2.77 13.72
C ARG A 479 -12.85 1.45 13.78
N PRO A 480 -13.38 1.10 14.98
CA PRO A 480 -14.33 0.00 15.03
C PRO A 480 -15.60 0.32 14.24
N ARG A 481 -16.12 -0.72 13.59
CA ARG A 481 -17.37 -0.61 12.85
C ARG A 481 -18.51 -1.31 13.57
N VAL A 482 -18.16 -2.07 14.62
CA VAL A 482 -19.15 -2.78 15.44
C VAL A 482 -18.67 -2.69 16.88
N VAL A 483 -19.62 -2.55 17.82
CA VAL A 483 -19.30 -2.69 19.25
C VAL A 483 -20.19 -3.75 19.90
N ARG A 484 -19.55 -4.56 20.73
CA ARG A 484 -20.24 -5.60 21.50
C ARG A 484 -19.82 -5.40 22.95
N TYR A 485 -20.75 -5.61 23.87
CA TYR A 485 -20.44 -5.51 25.30
C TYR A 485 -20.31 -6.88 25.98
N LEU A 486 -19.30 -7.04 26.82
CA LEU A 486 -19.15 -8.28 27.59
C LEU A 486 -18.87 -7.98 29.06
N ASP A 487 -19.08 -8.99 29.91
CA ASP A 487 -18.50 -8.99 31.26
C ASP A 487 -16.97 -9.06 31.30
N ALA A 488 -16.34 -9.75 30.35
CA ALA A 488 -14.90 -10.02 30.41
C ALA A 488 -14.27 -10.19 29.04
N VAL A 489 -13.03 -9.73 28.89
CA VAL A 489 -12.26 -9.95 27.66
C VAL A 489 -10.84 -10.44 27.98
N PRO A 490 -10.12 -10.95 26.97
CA PRO A 490 -8.79 -11.48 27.27
C PRO A 490 -7.86 -10.44 27.90
N ARG A 491 -6.99 -10.91 28.78
CA ARG A 491 -5.89 -10.08 29.32
C ARG A 491 -4.52 -10.58 28.86
#